data_6PNN
#
_entry.id   6PNN
#
_cell.length_a   57.160
_cell.length_b   57.160
_cell.length_c   139.660
_cell.angle_alpha   90.00
_cell.angle_beta   90.00
_cell.angle_gamma   120.00
#
_symmetry.space_group_name_H-M   'P 31 2 1'
#
loop_
_entity.id
_entity.type
_entity.pdbx_description
1 polymer 'Glutathione S-transferase omega-1'
2 non-polymer 'SULFATE ION'
3 non-polymer 'L(+)-TARTARIC ACID'
4 non-polymer 2-chloro-N-{4-chloro-3-[(2-methoxyethyl)(methyl)sulfamoyl]phenyl}acetamide
5 water water
#
_entity_poly.entity_id   1
_entity_poly.type   'polypeptide(L)'
_entity_poly.pdbx_seq_one_letter_code
;SGESARSLGKGSAPPGPVPEGSIRIYSMRFCPFAERTRLVLKAKGIRHEVININLKNKPEWFFKKNPFGLVPVLENSQGQ
LIYESAITCEYLDEAYPGKKLLPDDPYEKACQKMILELFSKVPSLVGSFIRSQNKEDYAGLKEEFRKEFTKLEEVLTNKK
TTFFGGNSISMIDYLIWPWFERLEAMKLNECVDHTPKLKLWMAAMKEDPTVSALLTSEKDWQGFLELYLQNSPEACDYGL
;
_entity_poly.pdbx_strand_id   A
#
# COMPACT_ATOMS: atom_id res chain seq x y z
N GLU A 3 -14.76 -16.21 4.16
CA GLU A 3 -16.06 -15.91 3.51
C GLU A 3 -16.31 -14.40 3.65
N SER A 4 -16.26 -13.87 4.90
CA SER A 4 -16.51 -12.45 5.26
C SER A 4 -15.70 -11.49 4.36
N ALA A 5 -14.46 -11.87 3.97
CA ALA A 5 -13.56 -11.00 3.19
C ALA A 5 -13.88 -11.07 1.69
N ARG A 6 -14.75 -11.98 1.25
CA ARG A 6 -15.08 -12.14 -0.19
C ARG A 6 -15.45 -10.76 -0.77
N SER A 7 -14.99 -10.51 -1.99
CA SER A 7 -15.14 -9.20 -2.63
C SER A 7 -16.59 -9.00 -3.08
N LEU A 8 -17.09 -7.76 -3.16
CA LEU A 8 -18.35 -7.41 -3.85
C LEU A 8 -18.03 -6.96 -5.29
N GLY A 9 -18.79 -7.43 -6.29
CA GLY A 9 -18.61 -7.07 -7.71
C GLY A 9 -19.93 -6.73 -8.37
N LYS A 10 -19.97 -6.91 -9.68
CA LYS A 10 -21.12 -6.49 -10.50
C LYS A 10 -22.34 -7.31 -10.08
N GLY A 11 -23.45 -6.64 -9.84
CA GLY A 11 -24.70 -7.26 -9.36
C GLY A 11 -24.86 -7.19 -7.84
N SER A 12 -23.78 -6.87 -7.08
CA SER A 12 -23.81 -6.78 -5.59
C SER A 12 -24.64 -5.57 -5.16
N ALA A 13 -25.44 -5.78 -4.10
CA ALA A 13 -26.30 -4.74 -3.51
C ALA A 13 -25.36 -3.65 -3.01
N PRO A 14 -25.69 -2.37 -3.30
CA PRO A 14 -25.07 -1.24 -2.64
C PRO A 14 -25.07 -1.50 -1.12
N PRO A 15 -23.96 -1.29 -0.43
CA PRO A 15 -23.94 -1.51 1.01
C PRO A 15 -24.67 -0.42 1.82
N GLY A 16 -25.05 -0.74 3.06
CA GLY A 16 -25.78 0.23 3.90
C GLY A 16 -24.84 1.26 4.51
N PRO A 17 -25.42 2.16 5.32
CA PRO A 17 -24.69 3.22 5.99
C PRO A 17 -23.61 2.64 6.92
N VAL A 18 -22.52 3.34 6.99
CA VAL A 18 -21.42 3.02 7.92
C VAL A 18 -21.89 3.29 9.33
N PRO A 19 -21.81 2.34 10.26
CA PRO A 19 -22.29 2.59 11.61
C PRO A 19 -21.47 3.65 12.38
N GLU A 20 -22.17 4.40 13.22
CA GLU A 20 -21.54 5.35 14.13
C GLU A 20 -20.43 4.64 14.94
N GLY A 21 -19.30 5.32 15.10
CA GLY A 21 -18.15 4.77 15.85
C GLY A 21 -17.20 3.96 14.97
N SER A 22 -17.48 3.86 13.65
CA SER A 22 -16.70 3.04 12.69
C SER A 22 -16.48 3.84 11.40
N ILE A 23 -15.38 3.53 10.75
CA ILE A 23 -15.12 4.03 9.37
C ILE A 23 -15.00 2.82 8.47
N ARG A 24 -15.41 3.02 7.22
CA ARG A 24 -15.41 1.96 6.22
C ARG A 24 -14.28 2.23 5.23
N ILE A 25 -13.50 1.19 4.91
CA ILE A 25 -12.61 1.20 3.73
C ILE A 25 -13.12 0.22 2.68
N TYR A 26 -13.25 0.75 1.46
CA TYR A 26 -13.37 0.00 0.20
C TYR A 26 -11.95 -0.28 -0.25
N SER A 27 -11.62 -1.57 -0.27
CA SER A 27 -10.25 -2.08 -0.37
C SER A 27 -10.19 -3.22 -1.37
N MET A 28 -8.97 -3.69 -1.60
CA MET A 28 -8.78 -4.98 -2.30
C MET A 28 -7.55 -5.63 -1.68
N ARG A 29 -7.67 -6.89 -1.31
CA ARG A 29 -6.77 -7.50 -0.30
C ARG A 29 -5.30 -7.42 -0.76
N PHE A 30 -5.02 -7.38 -2.05
CA PHE A 30 -3.64 -7.41 -2.60
C PHE A 30 -3.27 -6.07 -3.22
N CYS A 31 -4.06 -5.02 -3.06
CA CYS A 31 -3.76 -3.68 -3.62
C CYS A 31 -2.81 -2.93 -2.68
N PRO A 32 -1.63 -2.53 -3.19
CA PRO A 32 -0.63 -1.87 -2.37
C PRO A 32 -1.06 -0.47 -1.97
N PHE A 33 -1.80 0.19 -2.82
CA PHE A 33 -2.29 1.53 -2.48
C PHE A 33 -3.23 1.45 -1.27
N ALA A 34 -4.16 0.48 -1.26
CA ALA A 34 -5.14 0.36 -0.17
C ALA A 34 -4.45 -0.19 1.09
N GLU A 35 -3.39 -0.96 0.93
CA GLU A 35 -2.57 -1.41 2.09
C GLU A 35 -2.06 -0.23 2.89
N ARG A 36 -1.72 0.86 2.22
CA ARG A 36 -1.27 2.09 2.86
C ARG A 36 -2.34 2.45 3.89
N THR A 37 -3.61 2.52 3.45
CA THR A 37 -4.73 2.98 4.32
C THR A 37 -4.96 1.95 5.42
N ARG A 38 -4.87 0.69 5.11
CA ARG A 38 -5.06 -0.32 6.17
C ARG A 38 -3.92 -0.33 7.21
N LEU A 39 -2.70 -0.06 6.80
CA LEU A 39 -1.59 0.06 7.76
C LEU A 39 -1.88 1.22 8.70
N VAL A 40 -2.36 2.36 8.18
CA VAL A 40 -2.67 3.50 9.06
C VAL A 40 -3.82 3.16 10.00
N LEU A 41 -4.91 2.57 9.48
CA LEU A 41 -6.04 2.23 10.34
C LEU A 41 -5.53 1.36 11.52
N LYS A 42 -4.71 0.35 11.22
CA LYS A 42 -4.19 -0.56 12.24
C LYS A 42 -3.19 0.16 13.18
N ALA A 43 -2.27 0.95 12.66
CA ALA A 43 -1.25 1.67 13.46
C ALA A 43 -1.96 2.62 14.43
N LYS A 44 -3.05 3.24 13.99
CA LYS A 44 -3.80 4.20 14.84
C LYS A 44 -4.91 3.54 15.68
N GLY A 45 -5.15 2.24 15.54
CA GLY A 45 -6.16 1.56 16.35
C GLY A 45 -7.57 2.05 16.00
N ILE A 46 -7.84 2.42 14.78
CA ILE A 46 -9.17 2.97 14.38
C ILE A 46 -10.09 1.78 14.13
N ARG A 47 -11.22 1.74 14.82
CA ARG A 47 -12.30 0.76 14.53
C ARG A 47 -12.83 0.99 13.10
N HIS A 48 -12.86 -0.07 12.31
CA HIS A 48 -13.26 0.05 10.90
C HIS A 48 -13.83 -1.25 10.36
N GLU A 49 -14.53 -1.12 9.25
CA GLU A 49 -14.99 -2.29 8.48
C GLU A 49 -14.36 -2.22 7.12
N VAL A 50 -14.25 -3.37 6.48
CA VAL A 50 -13.61 -3.50 5.14
C VAL A 50 -14.65 -4.05 4.18
N ILE A 51 -14.85 -3.35 3.08
CA ILE A 51 -15.49 -3.96 1.88
C ILE A 51 -14.44 -4.15 0.79
N ASN A 52 -14.28 -5.37 0.34
CA ASN A 52 -13.33 -5.68 -0.74
C ASN A 52 -14.11 -5.56 -2.04
N ILE A 53 -13.50 -4.87 -2.98
CA ILE A 53 -14.06 -4.59 -4.32
C ILE A 53 -13.39 -5.54 -5.31
N ASN A 54 -14.18 -6.20 -6.16
CA ASN A 54 -13.62 -6.94 -7.31
C ASN A 54 -13.27 -5.93 -8.40
N LEU A 55 -11.99 -5.53 -8.44
CA LEU A 55 -11.47 -4.51 -9.39
C LEU A 55 -11.52 -5.04 -10.85
N LYS A 56 -11.67 -6.35 -11.05
CA LYS A 56 -11.83 -6.89 -12.41
C LYS A 56 -13.32 -6.86 -12.75
N ASN A 57 -14.23 -6.76 -11.76
CA ASN A 57 -15.69 -6.93 -11.99
C ASN A 57 -16.46 -6.01 -11.01
N LYS A 58 -16.21 -4.70 -11.14
CA LYS A 58 -16.62 -3.64 -10.19
C LYS A 58 -18.13 -3.58 -10.12
N PRO A 59 -18.72 -3.35 -8.94
CA PRO A 59 -20.11 -2.94 -8.88
C PRO A 59 -20.25 -1.51 -9.42
N GLU A 60 -21.25 -1.31 -10.28
CA GLU A 60 -21.67 0.01 -10.83
C GLU A 60 -21.81 1.03 -9.68
N TRP A 61 -22.38 0.64 -8.53
CA TRP A 61 -22.58 1.53 -7.36
C TRP A 61 -21.21 1.98 -6.83
N PHE A 62 -20.10 1.33 -7.19
CA PHE A 62 -18.79 1.68 -6.59
C PHE A 62 -18.34 3.04 -7.13
N PHE A 63 -18.83 3.42 -8.31
CA PHE A 63 -18.46 4.72 -8.96
C PHE A 63 -19.17 5.87 -8.22
N LYS A 64 -20.24 5.55 -7.48
CA LYS A 64 -20.85 6.54 -6.55
C LYS A 64 -19.94 6.74 -5.36
N LYS A 65 -19.08 5.81 -5.02
CA LYS A 65 -18.16 6.03 -3.89
C LYS A 65 -16.94 6.85 -4.38
N ASN A 66 -16.44 6.50 -5.55
CA ASN A 66 -15.24 7.13 -6.14
C ASN A 66 -15.48 7.22 -7.64
N PRO A 67 -15.56 8.45 -8.20
CA PRO A 67 -15.81 8.59 -9.64
C PRO A 67 -14.71 7.90 -10.48
N PHE A 68 -13.49 7.80 -9.97
CA PHE A 68 -12.35 7.13 -10.65
C PHE A 68 -12.47 5.59 -10.57
N GLY A 69 -13.31 5.03 -9.68
CA GLY A 69 -13.51 3.56 -9.61
C GLY A 69 -12.30 2.87 -8.99
N LEU A 70 -11.59 3.55 -8.11
CA LEU A 70 -10.32 3.01 -7.57
C LEU A 70 -10.43 2.83 -6.04
N VAL A 71 -9.70 1.83 -5.54
CA VAL A 71 -9.47 1.68 -4.08
C VAL A 71 -8.11 2.28 -3.80
N PRO A 72 -7.86 2.80 -2.57
CA PRO A 72 -8.85 2.79 -1.50
C PRO A 72 -9.82 4.00 -1.46
N VAL A 73 -10.95 3.80 -0.74
CA VAL A 73 -11.98 4.84 -0.45
C VAL A 73 -12.38 4.64 0.98
N LEU A 74 -12.41 5.73 1.73
CA LEU A 74 -12.98 5.76 3.09
C LEU A 74 -14.38 6.32 2.99
N GLU A 75 -15.28 5.76 3.78
CA GLU A 75 -16.67 6.32 3.95
C GLU A 75 -16.95 6.31 5.45
N ASN A 76 -17.30 7.44 6.02
CA ASN A 76 -17.61 7.50 7.48
C ASN A 76 -19.10 7.49 7.70
N SER A 77 -19.53 7.50 8.98
CA SER A 77 -20.95 7.45 9.43
C SER A 77 -21.73 8.65 8.95
N GLN A 78 -21.07 9.78 8.73
CA GLN A 78 -21.70 11.01 8.21
C GLN A 78 -21.88 10.84 6.70
N GLY A 79 -21.34 9.80 6.07
CA GLY A 79 -21.47 9.64 4.61
C GLY A 79 -20.41 10.43 3.80
N GLN A 80 -19.39 10.98 4.43
CA GLN A 80 -18.27 11.62 3.71
C GLN A 80 -17.45 10.55 2.98
N LEU A 81 -17.04 10.83 1.76
CA LEU A 81 -16.14 9.95 0.97
C LEU A 81 -14.74 10.59 0.76
N ILE A 82 -13.69 9.83 1.05
CA ILE A 82 -12.28 10.27 0.87
C ILE A 82 -11.59 9.23 -0.03
N TYR A 83 -10.97 9.65 -1.13
CA TYR A 83 -10.22 8.71 -1.99
C TYR A 83 -8.82 9.31 -2.25
N GLU A 84 -8.00 8.50 -2.91
CA GLU A 84 -6.54 8.63 -3.14
C GLU A 84 -5.84 8.22 -1.83
N SER A 85 -4.97 7.22 -1.95
CA SER A 85 -4.34 6.50 -0.83
C SER A 85 -3.64 7.48 0.12
N ALA A 86 -2.81 8.42 -0.38
CA ALA A 86 -2.04 9.32 0.49
C ALA A 86 -3.01 10.32 1.18
N ILE A 87 -4.04 10.77 0.49
CA ILE A 87 -5.14 11.60 1.13
C ILE A 87 -5.87 10.81 2.19
N THR A 88 -6.22 9.54 1.94
CA THR A 88 -6.95 8.76 2.97
C THR A 88 -6.06 8.64 4.22
N CYS A 89 -4.75 8.45 4.03
CA CYS A 89 -3.85 8.23 5.18
C CYS A 89 -3.70 9.50 6.01
N GLU A 90 -3.53 10.63 5.35
CA GLU A 90 -3.38 11.90 6.06
C GLU A 90 -4.68 12.27 6.79
N TYR A 91 -5.83 12.09 6.12
CA TYR A 91 -7.15 12.34 6.73
C TYR A 91 -7.25 11.56 8.06
N LEU A 92 -6.89 10.25 8.01
CA LEU A 92 -6.99 9.37 9.20
C LEU A 92 -6.06 9.87 10.28
N ASP A 93 -4.86 10.35 9.91
CA ASP A 93 -3.93 10.77 10.96
C ASP A 93 -4.47 12.02 11.65
N GLU A 94 -5.11 12.93 10.92
CA GLU A 94 -5.66 14.18 11.46
C GLU A 94 -7.01 13.95 12.18
N ALA A 95 -7.84 13.03 11.72
CA ALA A 95 -9.24 12.97 12.16
C ALA A 95 -9.33 12.09 13.41
N TYR A 96 -8.34 11.29 13.72
CA TYR A 96 -8.48 10.27 14.78
C TYR A 96 -7.38 10.42 15.81
N PRO A 97 -7.65 9.97 17.04
CA PRO A 97 -6.63 9.99 18.09
C PRO A 97 -5.60 8.86 17.95
N GLY A 98 -4.69 8.80 18.91
CA GLY A 98 -3.65 7.77 18.91
C GLY A 98 -2.30 8.36 18.53
N LYS A 99 -1.34 7.48 18.21
CA LYS A 99 0.02 7.82 17.76
C LYS A 99 -0.17 8.74 16.55
N LYS A 100 0.37 9.97 16.54
CA LYS A 100 0.48 10.80 15.30
C LYS A 100 1.51 10.17 14.36
N LEU A 101 1.18 9.86 13.12
CA LEU A 101 2.14 9.26 12.16
C LEU A 101 2.86 10.34 11.36
N LEU A 102 2.30 11.53 11.34
CA LEU A 102 3.00 12.64 10.70
C LEU A 102 3.45 13.60 11.79
N PRO A 103 4.62 14.21 11.63
CA PRO A 103 5.02 15.23 12.61
C PRO A 103 4.13 16.48 12.51
N ASP A 104 4.00 17.18 13.64
CA ASP A 104 3.33 18.50 13.73
C ASP A 104 4.24 19.58 13.14
N ASP A 105 5.56 19.48 13.28
CA ASP A 105 6.45 20.55 12.75
C ASP A 105 6.29 20.66 11.21
N PRO A 106 5.97 21.85 10.63
CA PRO A 106 5.75 21.95 9.18
C PRO A 106 6.92 21.50 8.30
N TYR A 107 8.13 21.82 8.68
CA TYR A 107 9.31 21.40 7.91
C TYR A 107 9.45 19.88 7.96
N GLU A 108 9.34 19.25 9.13
CA GLU A 108 9.52 17.77 9.22
C GLU A 108 8.42 17.08 8.45
N LYS A 109 7.19 17.63 8.53
CA LYS A 109 6.10 17.09 7.70
C LYS A 109 6.47 17.22 6.21
N ALA A 110 6.99 18.39 5.78
CA ALA A 110 7.33 18.59 4.34
C ALA A 110 8.40 17.56 3.91
N CYS A 111 9.31 17.24 4.83
CA CYS A 111 10.40 16.28 4.55
C CYS A 111 9.83 14.91 4.25
N GLN A 112 8.82 14.51 5.00
CA GLN A 112 8.17 13.21 4.76
C GLN A 112 7.54 13.23 3.37
N LYS A 113 6.91 14.33 2.99
CA LYS A 113 6.30 14.43 1.67
C LYS A 113 7.40 14.43 0.60
N MET A 114 8.54 15.07 0.88
CA MET A 114 9.59 15.15 -0.17
C MET A 114 10.13 13.70 -0.39
N ILE A 115 10.24 12.91 0.67
CA ILE A 115 10.69 11.50 0.53
C ILE A 115 9.65 10.73 -0.30
N LEU A 116 8.39 10.98 -0.08
CA LEU A 116 7.32 10.32 -0.85
C LEU A 116 7.53 10.65 -2.31
N GLU A 117 7.85 11.91 -2.57
CA GLU A 117 8.18 12.38 -3.92
C GLU A 117 9.38 11.60 -4.49
N LEU A 118 10.46 11.44 -3.72
CA LEU A 118 11.65 10.61 -4.09
C LEU A 118 11.23 9.19 -4.55
N PHE A 119 10.13 8.67 -4.01
CA PHE A 119 9.64 7.29 -4.14
C PHE A 119 8.69 7.18 -5.33
N SER A 120 8.24 8.33 -5.85
CA SER A 120 7.05 8.41 -6.70
C SER A 120 7.22 7.60 -8.00
N LYS A 121 8.42 7.26 -8.45
CA LYS A 121 8.53 6.42 -9.68
C LYS A 121 8.39 4.94 -9.33
N VAL A 122 8.47 4.53 -8.08
CA VAL A 122 8.56 3.08 -7.80
C VAL A 122 7.25 2.37 -8.19
N PRO A 123 6.06 2.85 -7.82
CA PRO A 123 4.81 2.13 -8.15
C PRO A 123 4.59 1.89 -9.64
N SER A 124 4.98 2.83 -10.49
CA SER A 124 4.86 2.58 -11.95
C SER A 124 5.93 1.57 -12.44
N LEU A 125 7.08 1.44 -11.78
CA LEU A 125 8.03 0.35 -12.14
C LEU A 125 7.43 -1.03 -11.83
N VAL A 126 6.66 -1.13 -10.75
CA VAL A 126 5.99 -2.40 -10.38
C VAL A 126 4.98 -2.73 -11.48
N GLY A 127 4.14 -1.78 -11.85
CA GLY A 127 3.40 -1.86 -13.14
C GLY A 127 4.20 -2.53 -14.23
N SER A 128 5.09 -1.77 -14.88
CA SER A 128 6.19 -2.15 -15.81
C SER A 128 6.79 -3.55 -15.57
N PHE A 129 6.84 -4.04 -14.33
CA PHE A 129 7.36 -5.40 -14.06
C PHE A 129 6.50 -6.43 -14.81
N ILE A 130 5.20 -6.19 -14.90
CA ILE A 130 4.25 -6.97 -15.74
C ILE A 130 4.74 -7.07 -17.18
N ARG A 131 5.33 -5.99 -17.74
CA ARG A 131 5.71 -5.91 -19.17
CA ARG A 131 5.71 -5.94 -19.18
C ARG A 131 7.03 -6.67 -19.42
N SER A 132 7.73 -7.09 -18.36
CA SER A 132 9.00 -7.88 -18.41
C SER A 132 8.71 -9.33 -18.83
N GLN A 133 9.27 -9.79 -19.94
CA GLN A 133 8.93 -11.09 -20.59
C GLN A 133 10.08 -12.09 -20.46
N ASN A 134 11.31 -11.63 -20.21
CA ASN A 134 12.53 -12.45 -20.43
C ASN A 134 13.68 -11.92 -19.55
N LYS A 135 14.80 -12.63 -19.54
CA LYS A 135 15.98 -12.35 -18.67
C LYS A 135 16.58 -10.98 -19.04
N GLU A 136 16.52 -10.57 -20.30
CA GLU A 136 17.01 -9.22 -20.73
C GLU A 136 16.13 -8.14 -20.12
N ASP A 137 14.79 -8.21 -20.27
CA ASP A 137 13.92 -7.16 -19.72
C ASP A 137 14.10 -7.15 -18.20
N TYR A 138 14.32 -8.32 -17.60
CA TYR A 138 14.45 -8.44 -16.13
C TYR A 138 15.73 -7.72 -15.66
N ALA A 139 16.86 -7.83 -16.38
CA ALA A 139 18.10 -7.07 -16.09
C ALA A 139 17.83 -5.54 -16.12
N GLY A 140 17.21 -4.99 -17.18
CA GLY A 140 16.83 -3.56 -17.26
C GLY A 140 15.94 -3.16 -16.10
N LEU A 141 14.91 -3.97 -15.80
CA LEU A 141 13.95 -3.69 -14.71
C LEU A 141 14.79 -3.54 -13.44
N LYS A 142 15.72 -4.47 -13.19
CA LYS A 142 16.48 -4.43 -11.91
C LYS A 142 17.29 -3.13 -11.84
N GLU A 143 17.90 -2.71 -12.94
CA GLU A 143 18.65 -1.44 -12.95
C GLU A 143 17.73 -0.28 -12.60
N GLU A 144 16.50 -0.27 -13.09
CA GLU A 144 15.56 0.84 -12.86
C GLU A 144 15.23 0.92 -11.35
N PHE A 145 14.91 -0.20 -10.72
CA PHE A 145 14.68 -0.26 -9.26
C PHE A 145 15.93 0.25 -8.53
N ARG A 146 17.12 -0.19 -8.91
CA ARG A 146 18.38 0.27 -8.24
C ARG A 146 18.49 1.80 -8.28
N LYS A 147 18.18 2.44 -9.39
CA LYS A 147 18.40 3.89 -9.49
C LYS A 147 17.47 4.57 -8.48
N GLU A 148 16.25 4.08 -8.35
CA GLU A 148 15.26 4.67 -7.42
C GLU A 148 15.68 4.40 -5.98
N PHE A 149 16.12 3.18 -5.69
CA PHE A 149 16.48 2.78 -4.32
C PHE A 149 17.71 3.56 -3.83
N THR A 150 18.69 3.87 -4.71
CA THR A 150 19.84 4.74 -4.35
C THR A 150 19.30 6.06 -3.76
N LYS A 151 18.26 6.66 -4.34
CA LYS A 151 17.74 7.95 -3.82
C LYS A 151 17.26 7.77 -2.35
N LEU A 152 16.63 6.65 -2.04
CA LEU A 152 16.06 6.44 -0.68
C LEU A 152 17.24 6.14 0.25
N GLU A 153 18.23 5.41 -0.25
CA GLU A 153 19.47 5.02 0.47
C GLU A 153 20.15 6.32 0.94
N GLU A 154 20.19 7.33 0.06
CA GLU A 154 20.86 8.60 0.42
C GLU A 154 20.13 9.25 1.59
N VAL A 155 18.81 9.18 1.61
CA VAL A 155 18.07 9.84 2.73
C VAL A 155 18.47 9.18 4.05
N LEU A 156 18.50 7.83 4.12
CA LEU A 156 18.85 7.12 5.39
C LEU A 156 20.30 7.42 5.79
N THR A 157 21.18 7.63 4.83
CA THR A 157 22.63 7.85 5.14
C THR A 157 22.77 9.27 5.70
N ASN A 158 21.99 10.23 5.19
CA ASN A 158 21.99 11.63 5.68
C ASN A 158 21.43 11.66 7.11
N LYS A 159 20.29 11.02 7.36
CA LYS A 159 19.59 11.09 8.67
C LYS A 159 20.19 10.18 9.72
N LYS A 160 20.74 9.05 9.31
CA LYS A 160 21.29 7.98 10.18
C LYS A 160 20.25 7.57 11.22
N THR A 161 19.00 7.48 10.77
CA THR A 161 17.87 6.92 11.57
C THR A 161 17.48 5.54 11.02
N THR A 162 16.81 4.76 11.84
CA THR A 162 16.24 3.41 11.53
C THR A 162 15.23 3.59 10.37
N PHE A 163 14.37 4.59 10.51
CA PHE A 163 13.25 4.78 9.55
C PHE A 163 13.32 6.10 8.81
N PHE A 164 12.46 6.31 7.82
CA PHE A 164 12.53 7.50 6.96
C PHE A 164 12.14 8.75 7.72
N GLY A 165 11.41 8.64 8.82
CA GLY A 165 11.01 9.86 9.55
C GLY A 165 11.66 9.95 10.92
N GLY A 166 12.75 9.23 11.19
CA GLY A 166 13.36 9.28 12.53
C GLY A 166 13.54 7.88 13.09
N ASN A 167 13.76 7.78 14.38
CA ASN A 167 14.07 6.44 14.95
C ASN A 167 12.80 5.66 15.18
N SER A 168 11.63 6.29 15.20
CA SER A 168 10.32 5.57 15.23
C SER A 168 9.67 5.55 13.83
N ILE A 169 9.01 4.46 13.52
CA ILE A 169 8.22 4.29 12.27
C ILE A 169 7.13 5.39 12.22
N SER A 170 6.86 5.93 11.07
CA SER A 170 5.91 7.04 10.95
C SER A 170 5.23 6.90 9.59
N MET A 171 4.43 7.91 9.24
CA MET A 171 3.60 7.80 8.02
C MET A 171 4.45 7.34 6.83
N ILE A 172 5.56 8.03 6.60
CA ILE A 172 6.31 7.86 5.34
C ILE A 172 6.71 6.39 5.19
N ASP A 173 7.01 5.70 6.26
CA ASP A 173 7.40 4.28 6.15
C ASP A 173 6.22 3.48 5.65
N TYR A 174 5.06 3.73 6.22
CA TYR A 174 3.86 2.92 5.86
C TYR A 174 3.46 3.25 4.43
N LEU A 175 3.72 4.46 3.96
CA LEU A 175 3.32 4.87 2.61
C LEU A 175 4.20 4.18 1.55
N ILE A 176 5.47 3.87 1.88
CA ILE A 176 6.33 3.21 0.86
C ILE A 176 6.40 1.71 1.05
N TRP A 177 6.05 1.18 2.23
CA TRP A 177 6.27 -0.24 2.60
C TRP A 177 5.66 -1.23 1.59
N PRO A 178 4.40 -1.04 1.12
CA PRO A 178 3.73 -2.09 0.35
C PRO A 178 4.45 -2.52 -0.93
N TRP A 179 5.21 -1.62 -1.55
CA TRP A 179 6.03 -1.98 -2.72
C TRP A 179 7.28 -2.77 -2.33
N PHE A 180 7.89 -2.48 -1.17
CA PHE A 180 9.01 -3.31 -0.67
C PHE A 180 8.51 -4.70 -0.30
N GLU A 181 7.32 -4.83 0.28
CA GLU A 181 6.74 -6.13 0.72
C GLU A 181 6.69 -7.08 -0.48
N ARG A 182 6.40 -6.53 -1.68
CA ARG A 182 6.13 -7.31 -2.92
C ARG A 182 7.45 -7.63 -3.66
N LEU A 183 8.57 -7.07 -3.23
CA LEU A 183 9.85 -7.23 -3.97
C LEU A 183 10.32 -8.70 -4.02
N GLU A 184 10.36 -9.39 -2.91
CA GLU A 184 10.75 -10.84 -2.89
C GLU A 184 9.88 -11.62 -3.90
N ALA A 185 8.54 -11.47 -3.90
CA ALA A 185 7.65 -12.26 -4.79
C ALA A 185 7.87 -11.86 -6.26
N MET A 186 8.33 -10.63 -6.53
CA MET A 186 8.65 -10.18 -7.91
C MET A 186 10.08 -10.57 -8.34
N LYS A 187 10.84 -11.19 -7.44
CA LYS A 187 12.25 -11.62 -7.63
CA LYS A 187 12.25 -11.62 -7.64
C LYS A 187 13.15 -10.39 -7.83
N LEU A 188 12.83 -9.31 -7.13
CA LEU A 188 13.58 -8.03 -7.18
C LEU A 188 14.27 -7.75 -5.84
N ASN A 189 14.36 -8.72 -4.92
CA ASN A 189 15.09 -8.68 -3.61
C ASN A 189 16.51 -8.18 -3.80
N GLU A 190 17.18 -8.57 -4.90
CA GLU A 190 18.61 -8.24 -5.20
C GLU A 190 18.78 -6.72 -5.37
N CYS A 191 17.72 -5.99 -5.66
CA CYS A 191 17.80 -4.56 -6.00
C CYS A 191 18.14 -3.73 -4.75
N VAL A 192 18.07 -4.31 -3.54
CA VAL A 192 18.51 -3.57 -2.32
C VAL A 192 19.93 -3.98 -1.93
N ASP A 193 20.59 -4.83 -2.72
CA ASP A 193 21.94 -5.32 -2.38
C ASP A 193 22.99 -4.21 -2.39
N HIS A 194 22.85 -3.16 -3.19
CA HIS A 194 23.75 -1.99 -3.17
C HIS A 194 23.27 -0.90 -2.22
N THR A 195 22.21 -1.13 -1.43
CA THR A 195 21.58 -0.12 -0.56
C THR A 195 21.47 -0.71 0.84
N PRO A 196 22.60 -0.83 1.57
CA PRO A 196 22.61 -1.56 2.83
C PRO A 196 21.66 -1.04 3.92
N LYS A 197 21.49 0.28 3.99
CA LYS A 197 20.60 0.90 5.02
C LYS A 197 19.13 0.61 4.66
N LEU A 198 18.78 0.73 3.37
CA LEU A 198 17.41 0.41 2.88
C LEU A 198 17.14 -1.06 3.17
N LYS A 199 18.15 -1.91 3.03
CA LYS A 199 17.96 -3.36 3.28
C LYS A 199 17.69 -3.62 4.78
N LEU A 200 18.40 -2.94 5.68
CA LEU A 200 18.14 -3.02 7.13
C LEU A 200 16.78 -2.39 7.45
N TRP A 201 16.39 -1.32 6.74
CA TRP A 201 15.06 -0.70 6.95
C TRP A 201 13.96 -1.75 6.68
N MET A 202 14.12 -2.53 5.62
CA MET A 202 13.13 -3.61 5.29
C MET A 202 13.04 -4.61 6.46
N ALA A 203 14.18 -5.05 7.03
CA ALA A 203 14.19 -5.97 8.20
C ALA A 203 13.48 -5.32 9.40
N ALA A 204 13.70 -4.03 9.66
CA ALA A 204 13.05 -3.31 10.80
C ALA A 204 11.54 -3.22 10.53
N MET A 205 11.14 -2.95 9.28
CA MET A 205 9.69 -2.84 8.92
C MET A 205 8.98 -4.15 9.22
N LYS A 206 9.56 -5.29 8.83
CA LYS A 206 8.90 -6.59 8.99
C LYS A 206 8.72 -6.91 10.48
N GLU A 207 9.50 -6.32 11.38
CA GLU A 207 9.34 -6.50 12.84
C GLU A 207 8.26 -5.58 13.42
N ASP A 208 7.84 -4.56 12.69
CA ASP A 208 6.81 -3.61 13.20
C ASP A 208 5.52 -4.40 13.44
N PRO A 209 4.87 -4.27 14.62
CA PRO A 209 3.61 -4.97 14.89
C PRO A 209 2.53 -4.70 13.83
N THR A 210 2.42 -3.49 13.32
CA THR A 210 1.38 -3.18 12.33
C THR A 210 1.73 -3.86 11.01
N VAL A 211 2.94 -3.65 10.54
CA VAL A 211 3.39 -4.27 9.27
C VAL A 211 3.19 -5.78 9.35
N SER A 212 3.68 -6.37 10.42
CA SER A 212 3.68 -7.83 10.60
C SER A 212 2.22 -8.33 10.60
N ALA A 213 1.30 -7.60 11.23
CA ALA A 213 -0.12 -8.02 11.28
C ALA A 213 -0.75 -8.01 9.86
N LEU A 214 -0.29 -7.19 8.90
CA LEU A 214 -0.91 -7.04 7.55
C LEU A 214 -0.11 -7.71 6.43
N LEU A 215 1.03 -8.28 6.73
CA LEU A 215 1.93 -8.85 5.70
C LEU A 215 1.24 -10.07 5.07
N THR A 216 1.26 -10.13 3.74
CA THR A 216 0.78 -11.28 2.95
C THR A 216 1.99 -12.15 2.63
N SER A 217 1.86 -13.48 2.74
CA SER A 217 2.90 -14.50 2.35
C SER A 217 3.20 -14.42 0.85
N GLU A 218 4.42 -14.77 0.43
CA GLU A 218 4.81 -14.84 -1.02
C GLU A 218 3.83 -15.77 -1.78
N LYS A 219 3.50 -16.95 -1.23
CA LYS A 219 2.53 -17.91 -1.87
C LYS A 219 1.21 -17.17 -2.14
N ASP A 220 0.74 -16.36 -1.16
CA ASP A 220 -0.54 -15.63 -1.30
C ASP A 220 -0.38 -14.60 -2.44
N TRP A 221 0.69 -13.80 -2.45
N TRP A 221 0.70 -13.80 -2.40
CA TRP A 221 0.86 -12.75 -3.51
CA TRP A 221 1.06 -12.77 -3.42
C TRP A 221 1.02 -13.41 -4.89
C TRP A 221 1.06 -13.39 -4.83
N GLN A 222 1.75 -14.52 -4.98
CA GLN A 222 1.90 -15.26 -6.28
C GLN A 222 0.53 -15.75 -6.78
N GLY A 223 -0.30 -16.27 -5.88
CA GLY A 223 -1.63 -16.79 -6.24
C GLY A 223 -2.43 -15.68 -6.90
N PHE A 224 -2.43 -14.51 -6.27
CA PHE A 224 -3.11 -13.32 -6.80
C PHE A 224 -2.54 -12.94 -8.19
N LEU A 225 -1.22 -12.74 -8.25
CA LEU A 225 -0.61 -12.16 -9.48
C LEU A 225 -0.97 -13.03 -10.71
N GLU A 226 -0.93 -14.36 -10.55
CA GLU A 226 -1.14 -15.30 -11.69
C GLU A 226 -2.55 -15.10 -12.22
N LEU A 227 -3.51 -14.99 -11.30
CA LEU A 227 -4.93 -14.78 -11.66
C LEU A 227 -5.06 -13.38 -12.27
N TYR A 228 -4.45 -12.38 -11.64
CA TYR A 228 -4.47 -10.96 -12.08
C TYR A 228 -4.05 -10.85 -13.56
N LEU A 229 -2.94 -11.52 -13.90
CA LEU A 229 -2.27 -11.52 -15.24
C LEU A 229 -3.07 -12.35 -16.28
N GLN A 230 -4.05 -13.16 -15.87
CA GLN A 230 -5.03 -13.76 -16.81
C GLN A 230 -6.23 -12.84 -16.96
N ASN A 231 -6.33 -11.77 -16.19
CA ASN A 231 -7.58 -10.98 -16.06
C ASN A 231 -8.71 -11.87 -15.52
N SER A 232 -8.43 -12.77 -14.56
CA SER A 232 -9.46 -13.55 -13.82
C SER A 232 -10.30 -12.64 -12.91
N PRO A 233 -11.64 -12.74 -13.01
CA PRO A 233 -12.54 -12.14 -12.02
C PRO A 233 -12.33 -12.71 -10.60
N GLU A 234 -11.63 -13.82 -10.40
CA GLU A 234 -11.41 -14.35 -9.03
C GLU A 234 -10.07 -13.89 -8.42
N ALA A 235 -9.24 -13.14 -9.13
CA ALA A 235 -7.90 -12.76 -8.63
C ALA A 235 -8.02 -12.14 -7.24
N CYS A 236 -8.98 -11.23 -7.09
CA CYS A 236 -9.15 -10.40 -5.87
C CYS A 236 -9.51 -11.30 -4.68
N ASP A 237 -10.21 -12.41 -4.92
CA ASP A 237 -10.63 -13.37 -3.87
C ASP A 237 -9.66 -14.55 -3.82
N TYR A 238 -8.42 -14.43 -4.32
CA TYR A 238 -7.47 -15.58 -4.17
C TYR A 238 -7.44 -16.02 -2.69
N GLY A 239 -7.46 -17.33 -2.45
CA GLY A 239 -7.44 -17.93 -1.09
C GLY A 239 -8.83 -18.18 -0.51
N LEU A 240 -9.86 -17.42 -0.90
CA LEU A 240 -11.22 -17.53 -0.30
C LEU A 240 -12.10 -18.48 -1.12
#